data_6QRZ
#
_entry.id   6QRZ
#
_cell.length_a   63.310
_cell.length_b   108.930
_cell.length_c   48.170
_cell.angle_alpha   90.00
_cell.angle_beta   90.00
_cell.angle_gamma   90.00
#
_symmetry.space_group_name_H-M   'P 21 21 2'
#
loop_
_entity.id
_entity.type
_entity.pdbx_description
1 polymer 'Ribonucleoside-diphosphate reductase'
2 non-polymer 'MANGANESE (III) ION'
3 non-polymer 'FE (III) ION'
#
_entity_poly.entity_id   1
_entity_poly.type   'polypeptide(L)'
_entity_poly.pdbx_seq_one_letter_code
;MAHHHHHHVDDDDKMKEKLLEFRSEGVIHKKFKATSVGYDWNTFPMKLYQIGKRLFWDPAKIDFSKDKEDWKKLSKDEKN
YLLNIVSLFMAGEEAVAVDITPLISTMINEGRVEDVIYLEQFAFEEAKHAEAFRRFCDSLEINDDLTIFTTEYNPWYQKI
FYEELPSVMWKLRVDPSPENLAVAVTTYNLYVEGVAAESGYKTFKHIFNSLNIMPGLSKTVNLIATDESRHIAYGTYLIT
RLIVENGESIYRKAIEQFNKLVGIVQSLTRPLAKLPFGLTPDFTIENRKQLVNARLTVIERALKMTPEQVKSFSPKDLGV
IEEIKLDK
;
_entity_poly.pdbx_strand_id   A
#
# COMPACT_ATOMS: atom_id res chain seq x y z
N ILE A 28 -11.94 24.02 -12.13
CA ILE A 28 -12.76 25.22 -12.17
C ILE A 28 -12.13 26.31 -11.31
N HIS A 29 -11.63 25.93 -10.14
CA HIS A 29 -10.97 26.83 -9.20
C HIS A 29 -11.84 28.03 -8.87
N LYS A 30 -13.06 27.73 -8.39
CA LYS A 30 -13.98 28.78 -7.99
C LYS A 30 -13.61 29.39 -6.65
N LYS A 31 -12.89 28.65 -5.81
CA LYS A 31 -12.54 29.12 -4.47
C LYS A 31 -11.36 28.30 -3.97
N PHE A 32 -10.38 28.98 -3.39
CA PHE A 32 -9.19 28.33 -2.85
C PHE A 32 -9.41 27.99 -1.38
N LYS A 33 -9.22 26.71 -1.03
CA LYS A 33 -9.38 26.30 0.36
C LYS A 33 -8.24 26.78 1.24
N ALA A 34 -7.12 27.21 0.65
CA ALA A 34 -5.98 27.69 1.44
C ALA A 34 -6.02 29.18 1.71
N THR A 35 -6.71 29.95 0.88
CA THR A 35 -6.79 31.39 1.08
C THR A 35 -7.86 31.76 2.10
N SER A 36 -9.02 31.12 2.02
CA SER A 36 -10.16 31.48 2.86
C SER A 36 -10.25 30.61 4.10
N VAL A 37 -10.76 29.39 3.94
CA VAL A 37 -11.04 28.54 5.10
C VAL A 37 -9.74 28.02 5.72
N GLY A 38 -8.68 27.92 4.93
CA GLY A 38 -7.40 27.49 5.46
C GLY A 38 -7.28 25.98 5.56
N TYR A 39 -6.16 25.54 6.13
CA TYR A 39 -5.85 24.14 6.32
C TYR A 39 -6.22 23.70 7.72
N ASP A 40 -6.84 22.52 7.83
CA ASP A 40 -7.18 21.92 9.12
C ASP A 40 -6.00 21.05 9.56
N TRP A 41 -5.13 21.60 10.40
CA TRP A 41 -3.91 20.90 10.80
C TRP A 41 -4.21 19.73 11.74
N ASN A 42 -5.35 19.74 12.42
CA ASN A 42 -5.66 18.66 13.35
C ASN A 42 -6.29 17.45 12.66
N THR A 43 -6.58 17.53 11.37
CA THR A 43 -7.19 16.40 10.68
C THR A 43 -6.19 15.28 10.48
N PHE A 44 -6.71 14.06 10.35
CA PHE A 44 -5.86 12.89 10.21
C PHE A 44 -4.99 12.92 8.96
N PRO A 45 -5.46 13.30 7.77
CA PRO A 45 -4.56 13.35 6.61
C PRO A 45 -3.44 14.37 6.75
N MET A 46 -3.63 15.40 7.57
CA MET A 46 -2.57 16.39 7.76
C MET A 46 -1.57 15.95 8.83
N LYS A 47 -2.02 15.20 9.83
CA LYS A 47 -1.12 14.73 10.88
C LYS A 47 -0.21 13.62 10.36
N LEU A 48 -0.72 12.75 9.49
CA LEU A 48 0.14 11.81 8.79
C LEU A 48 1.06 12.54 7.80
N TYR A 49 0.61 13.66 7.25
CA TYR A 49 1.44 14.45 6.36
C TYR A 49 2.65 15.01 7.09
N GLN A 50 2.52 15.27 8.39
CA GLN A 50 3.67 15.74 9.17
C GLN A 50 4.67 14.61 9.39
N ILE A 51 4.19 13.44 9.82
CA ILE A 51 5.08 12.33 10.12
C ILE A 51 5.79 11.85 8.85
N GLY A 52 5.12 11.95 7.70
CA GLY A 52 5.76 11.53 6.46
C GLY A 52 7.00 12.33 6.13
N LYS A 53 6.90 13.66 6.24
CA LYS A 53 8.06 14.51 6.05
C LYS A 53 8.96 14.57 7.29
N ARG A 54 8.46 14.14 8.44
CA ARG A 54 9.29 14.07 9.65
C ARG A 54 10.22 12.86 9.61
N LEU A 55 9.71 11.71 9.14
CA LEU A 55 10.50 10.49 9.00
C LEU A 55 10.89 10.24 7.55
N PHE A 56 11.19 11.30 6.80
CA PHE A 56 11.59 11.12 5.41
C PHE A 56 12.95 10.43 5.34
N TRP A 57 13.07 9.49 4.40
CA TRP A 57 14.29 8.73 4.23
C TRP A 57 14.68 8.71 2.76
N ASP A 58 15.99 8.80 2.50
CA ASP A 58 16.52 8.84 1.16
C ASP A 58 17.04 7.47 0.77
N PRO A 59 16.51 6.84 -0.28
CA PRO A 59 17.05 5.53 -0.69
C PRO A 59 18.50 5.58 -1.13
N ALA A 60 19.03 6.76 -1.45
CA ALA A 60 20.44 6.85 -1.83
C ALA A 60 21.36 6.63 -0.64
N LYS A 61 20.95 7.05 0.56
CA LYS A 61 21.75 6.84 1.75
C LYS A 61 21.82 5.37 2.14
N ILE A 62 20.87 4.55 1.70
CA ILE A 62 20.89 3.13 2.00
C ILE A 62 21.99 2.46 1.19
N ASP A 63 22.96 1.87 1.89
CA ASP A 63 24.10 1.24 1.23
C ASP A 63 23.76 -0.22 0.90
N PHE A 64 23.98 -0.59 -0.36
CA PHE A 64 23.74 -1.95 -0.84
C PHE A 64 25.03 -2.68 -1.17
N SER A 65 26.16 -2.22 -0.62
CA SER A 65 27.45 -2.79 -0.99
C SER A 65 27.68 -4.17 -0.38
N LYS A 66 26.97 -4.52 0.70
CA LYS A 66 27.10 -5.84 1.31
C LYS A 66 25.97 -6.78 0.92
N ASP A 67 24.86 -6.27 0.37
CA ASP A 67 23.79 -7.13 -0.08
C ASP A 67 24.23 -8.00 -1.25
N LYS A 68 25.05 -7.45 -2.15
CA LYS A 68 25.54 -8.22 -3.28
C LYS A 68 26.44 -9.37 -2.82
N GLU A 69 27.09 -9.22 -1.67
CA GLU A 69 27.89 -10.31 -1.13
C GLU A 69 27.01 -11.38 -0.50
N ASP A 70 25.93 -10.98 0.17
CA ASP A 70 24.97 -11.93 0.72
C ASP A 70 24.08 -12.55 -0.35
N TRP A 71 23.96 -11.89 -1.51
CA TRP A 71 23.19 -12.47 -2.62
C TRP A 71 23.92 -13.68 -3.20
N LYS A 72 25.24 -13.62 -3.27
CA LYS A 72 26.05 -14.72 -3.79
C LYS A 72 26.19 -15.86 -2.79
N LYS A 73 25.70 -15.70 -1.57
CA LYS A 73 25.77 -16.74 -0.55
C LYS A 73 24.43 -17.45 -0.34
N LEU A 74 23.45 -17.23 -1.23
CA LEU A 74 22.16 -17.88 -1.15
C LEU A 74 22.03 -18.92 -2.26
N SER A 75 21.22 -19.94 -1.99
CA SER A 75 21.03 -21.01 -2.96
C SER A 75 20.20 -20.51 -4.14
N LYS A 76 20.13 -21.34 -5.18
CA LYS A 76 19.42 -20.96 -6.40
C LYS A 76 17.92 -20.79 -6.15
N ASP A 77 17.35 -21.59 -5.25
CA ASP A 77 15.93 -21.47 -4.97
C ASP A 77 15.63 -20.29 -4.05
N GLU A 78 16.50 -20.04 -3.07
CA GLU A 78 16.31 -18.90 -2.17
C GLU A 78 16.42 -17.58 -2.93
N LYS A 79 17.34 -17.51 -3.89
CA LYS A 79 17.41 -16.32 -4.75
C LYS A 79 16.19 -16.21 -5.65
N ASN A 80 15.56 -17.34 -5.98
CA ASN A 80 14.40 -17.31 -6.86
C ASN A 80 13.17 -16.79 -6.13
N TYR A 81 12.98 -17.21 -4.88
CA TYR A 81 11.82 -16.73 -4.12
C TYR A 81 12.01 -15.29 -3.66
N LEU A 82 13.24 -14.93 -3.27
CA LEU A 82 13.50 -13.55 -2.88
C LEU A 82 13.30 -12.61 -4.05
N LEU A 83 13.80 -12.97 -5.24
CA LEU A 83 13.56 -12.17 -6.43
C LEU A 83 12.08 -12.16 -6.79
N ASN A 84 11.35 -13.22 -6.44
CA ASN A 84 9.91 -13.27 -6.73
C ASN A 84 9.15 -12.24 -5.88
N ILE A 85 9.36 -12.27 -4.56
CA ILE A 85 8.61 -11.38 -3.68
C ILE A 85 9.07 -9.93 -3.86
N VAL A 86 10.32 -9.72 -4.27
CA VAL A 86 10.77 -8.36 -4.59
C VAL A 86 10.13 -7.90 -5.89
N SER A 87 10.00 -8.80 -6.86
CA SER A 87 9.33 -8.45 -8.10
C SER A 87 7.86 -8.15 -7.88
N LEU A 88 7.26 -8.71 -6.81
CA LEU A 88 5.86 -8.44 -6.53
C LEU A 88 5.67 -7.01 -6.02
N PHE A 89 6.49 -6.58 -5.06
CA PHE A 89 6.38 -5.22 -4.54
C PHE A 89 6.72 -4.20 -5.62
N MET A 90 7.87 -4.37 -6.27
CA MET A 90 8.31 -3.42 -7.29
C MET A 90 7.27 -3.27 -8.40
N ALA A 91 6.57 -4.37 -8.74
CA ALA A 91 5.46 -4.27 -9.68
C ALA A 91 4.31 -3.48 -9.08
N GLY A 92 4.03 -3.67 -7.79
CA GLY A 92 2.93 -3.01 -7.14
C GLY A 92 3.19 -1.55 -6.82
N GLU A 93 4.43 -1.24 -6.41
CA GLU A 93 4.75 0.14 -6.06
C GLU A 93 4.54 1.08 -7.23
N GLU A 94 4.80 0.60 -8.45
CA GLU A 94 4.54 1.42 -9.63
C GLU A 94 3.04 1.50 -9.91
N ALA A 95 2.32 0.38 -9.75
CA ALA A 95 0.89 0.39 -10.03
C ALA A 95 0.13 1.28 -9.06
N VAL A 96 0.47 1.20 -7.77
CA VAL A 96 -0.20 2.04 -6.78
C VAL A 96 0.18 3.51 -6.94
N ALA A 97 1.32 3.80 -7.57
CA ALA A 97 1.74 5.18 -7.79
C ALA A 97 1.06 5.81 -8.99
N VAL A 98 0.53 5.00 -9.91
CA VAL A 98 -0.18 5.51 -11.06
C VAL A 98 -1.69 5.31 -10.96
N ASP A 99 -2.17 4.45 -10.07
CA ASP A 99 -3.59 4.32 -9.80
C ASP A 99 -4.08 5.30 -8.75
N ILE A 100 -3.18 6.06 -8.14
CA ILE A 100 -3.57 7.07 -7.16
C ILE A 100 -4.19 8.28 -7.83
N THR A 101 -4.00 8.44 -9.14
CA THR A 101 -4.47 9.64 -9.83
C THR A 101 -5.98 9.82 -9.78
N PRO A 102 -6.82 8.81 -10.03
CA PRO A 102 -8.26 9.03 -9.89
C PRO A 102 -8.68 9.36 -8.48
N LEU A 103 -8.03 8.78 -7.47
CA LEU A 103 -8.37 9.08 -6.09
C LEU A 103 -8.02 10.51 -5.72
N ILE A 104 -6.92 11.03 -6.27
CA ILE A 104 -6.56 12.43 -6.04
C ILE A 104 -7.55 13.35 -6.75
N SER A 105 -7.87 13.03 -8.01
CA SER A 105 -8.82 13.86 -8.76
C SER A 105 -10.20 13.81 -8.13
N THR A 106 -10.60 12.66 -7.57
CA THR A 106 -11.88 12.58 -6.88
C THR A 106 -11.91 13.47 -5.65
N MET A 107 -10.81 13.50 -4.89
CA MET A 107 -10.73 14.41 -3.75
C MET A 107 -10.68 15.87 -4.19
N ILE A 108 -10.22 16.14 -5.41
CA ILE A 108 -10.28 17.50 -5.94
C ILE A 108 -11.72 17.88 -6.24
N ASN A 109 -12.48 16.97 -6.85
CA ASN A 109 -13.90 17.21 -7.09
C ASN A 109 -14.70 17.19 -5.80
N GLU A 110 -14.17 16.57 -4.73
CA GLU A 110 -14.82 16.59 -3.43
C GLU A 110 -14.40 17.79 -2.60
N GLY A 111 -13.44 18.58 -3.06
CA GLY A 111 -12.99 19.76 -2.34
C GLY A 111 -12.16 19.48 -1.11
N ARG A 112 -11.79 18.22 -0.88
CA ARG A 112 -11.00 17.85 0.29
C ARG A 112 -9.53 18.06 -0.01
N VAL A 113 -9.10 19.32 0.05
CA VAL A 113 -7.72 19.67 -0.26
C VAL A 113 -6.76 19.02 0.73
N GLU A 114 -7.17 18.90 2.00
CA GLU A 114 -6.33 18.23 2.98
C GLU A 114 -6.05 16.79 2.57
N ASP A 115 -7.08 16.09 2.07
CA ASP A 115 -6.85 14.75 1.54
C ASP A 115 -6.00 14.78 0.28
N VAL A 116 -6.17 15.82 -0.55
CA VAL A 116 -5.33 15.97 -1.74
C VAL A 116 -3.87 16.16 -1.34
N ILE A 117 -3.63 16.89 -0.25
CA ILE A 117 -2.26 17.15 0.18
C ILE A 117 -1.58 15.86 0.60
N TYR A 118 -2.28 15.00 1.36
CA TYR A 118 -1.66 13.75 1.78
C TYR A 118 -1.64 12.73 0.64
N LEU A 119 -2.77 12.53 -0.03
CA LEU A 119 -2.83 11.59 -1.14
C LEU A 119 -1.79 11.91 -2.21
N GLU A 120 -1.41 13.18 -2.31
CA GLU A 120 -0.34 13.55 -3.23
C GLU A 120 1.03 13.24 -2.64
N GLN A 121 1.17 13.28 -1.31
CA GLN A 121 2.38 12.73 -0.68
C GLN A 121 2.29 11.22 -0.57
N PHE A 122 1.09 10.70 -0.29
CA PHE A 122 0.91 9.27 -0.12
C PHE A 122 1.37 8.49 -1.35
N ALA A 123 1.38 9.13 -2.51
CA ALA A 123 1.98 8.55 -3.71
C ALA A 123 3.47 8.82 -3.82
N PHE A 124 3.97 9.88 -3.18
CA PHE A 124 5.39 10.18 -3.24
C PHE A 124 6.20 9.12 -2.51
N GLU A 125 5.68 8.61 -1.40
CA GLU A 125 6.34 7.49 -0.73
C GLU A 125 6.21 6.21 -1.55
N GLU A 126 5.12 6.06 -2.30
CA GLU A 126 4.96 4.88 -3.16
C GLU A 126 5.97 4.90 -4.30
N ALA A 127 6.09 6.04 -5.00
CA ALA A 127 7.09 6.15 -6.06
C ALA A 127 8.50 6.03 -5.50
N LYS A 128 8.71 6.49 -4.27
CA LYS A 128 10.01 6.30 -3.61
C LYS A 128 10.25 4.83 -3.26
N HIS A 129 9.17 4.07 -3.01
CA HIS A 129 9.32 2.64 -2.80
C HIS A 129 9.68 1.93 -4.10
N ALA A 130 9.03 2.30 -5.20
CA ALA A 130 9.36 1.70 -6.49
C ALA A 130 10.79 2.00 -6.89
N GLU A 131 11.34 3.13 -6.45
CA GLU A 131 12.75 3.43 -6.70
C GLU A 131 13.65 2.53 -5.85
N ALA A 132 13.30 2.35 -4.58
CA ALA A 132 14.16 1.59 -3.68
C ALA A 132 14.32 0.14 -4.13
N PHE A 133 13.23 -0.49 -4.54
CA PHE A 133 13.31 -1.86 -5.02
C PHE A 133 14.13 -1.94 -6.31
N ARG A 134 13.88 -1.02 -7.24
CA ARG A 134 14.68 -0.97 -8.46
C ARG A 134 16.15 -0.66 -8.14
N ARG A 135 16.39 0.12 -7.09
CA ARG A 135 17.77 0.35 -6.65
C ARG A 135 18.38 -0.93 -6.08
N PHE A 136 17.61 -1.66 -5.27
CA PHE A 136 18.08 -2.92 -4.73
C PHE A 136 18.28 -3.97 -5.82
N CYS A 137 17.42 -3.95 -6.84
CA CYS A 137 17.59 -4.89 -7.94
C CYS A 137 18.81 -4.54 -8.78
N ASP A 138 19.01 -3.25 -9.09
CA ASP A 138 20.20 -2.86 -9.84
C ASP A 138 21.47 -3.06 -9.04
N SER A 139 21.37 -3.06 -7.71
CA SER A 139 22.56 -3.30 -6.89
C SER A 139 22.99 -4.76 -6.93
N LEU A 140 22.05 -5.67 -7.20
CA LEU A 140 22.36 -7.09 -7.32
C LEU A 140 22.66 -7.49 -8.76
N GLU A 141 22.98 -6.53 -9.63
CA GLU A 141 23.35 -6.78 -11.02
C GLU A 141 22.15 -7.30 -11.81
N ILE A 142 20.99 -7.38 -11.16
CA ILE A 142 19.79 -7.90 -11.80
C ILE A 142 19.38 -6.97 -12.93
N ASN A 143 19.73 -7.35 -14.16
CA ASN A 143 19.47 -6.53 -15.34
C ASN A 143 18.45 -7.13 -16.29
N ASP A 144 17.84 -8.27 -15.93
CA ASP A 144 16.92 -8.94 -16.81
C ASP A 144 15.48 -8.59 -16.46
N ASP A 145 14.54 -9.19 -17.18
CA ASP A 145 13.12 -8.91 -16.99
C ASP A 145 12.59 -9.69 -15.79
N LEU A 146 11.63 -9.07 -15.10
CA LEU A 146 10.97 -9.68 -13.95
C LEU A 146 9.48 -9.86 -14.18
N THR A 147 9.01 -9.74 -15.42
CA THR A 147 7.61 -9.96 -15.73
C THR A 147 7.19 -11.42 -15.57
N ILE A 148 8.15 -12.35 -15.63
CA ILE A 148 7.85 -13.77 -15.47
C ILE A 148 7.68 -14.11 -13.98
N PHE A 149 7.55 -13.08 -13.15
CA PHE A 149 7.23 -13.23 -11.74
C PHE A 149 5.90 -12.61 -11.35
N THR A 150 5.41 -11.62 -12.10
CA THR A 150 4.19 -10.91 -11.75
C THR A 150 2.93 -11.51 -12.38
N THR A 151 3.07 -12.52 -13.22
CA THR A 151 1.93 -13.06 -13.95
C THR A 151 1.97 -14.58 -14.02
N GLU A 152 3.12 -15.12 -14.41
CA GLU A 152 3.21 -16.55 -14.67
C GLU A 152 3.21 -17.37 -13.38
N TYR A 153 4.01 -16.95 -12.40
CA TYR A 153 4.15 -17.74 -11.18
C TYR A 153 2.95 -17.61 -10.24
N ASN A 154 2.27 -16.47 -10.25
CA ASN A 154 1.11 -16.24 -9.39
C ASN A 154 0.07 -15.42 -10.14
N PRO A 155 -0.98 -16.06 -10.66
CA PRO A 155 -1.99 -15.31 -11.42
C PRO A 155 -2.88 -14.43 -10.56
N TRP A 156 -2.97 -14.70 -9.24
CA TRP A 156 -3.71 -13.80 -8.37
C TRP A 156 -3.15 -12.40 -8.40
N TYR A 157 -1.82 -12.28 -8.53
CA TYR A 157 -1.19 -10.98 -8.66
C TYR A 157 -1.50 -10.33 -10.01
N GLN A 158 -1.82 -11.14 -11.02
CA GLN A 158 -2.26 -10.59 -12.30
C GLN A 158 -3.73 -10.16 -12.24
N LYS A 159 -4.56 -10.91 -11.53
CA LYS A 159 -5.98 -10.58 -11.47
C LYS A 159 -6.23 -9.27 -10.74
N ILE A 160 -5.45 -9.00 -9.69
CA ILE A 160 -5.70 -7.82 -8.87
C ILE A 160 -5.07 -6.58 -9.48
N PHE A 161 -3.79 -6.64 -9.82
CA PHE A 161 -3.07 -5.43 -10.22
C PHE A 161 -3.20 -5.12 -11.71
N TYR A 162 -3.47 -6.11 -12.55
CA TYR A 162 -3.68 -5.86 -13.97
C TYR A 162 -5.15 -5.66 -14.32
N GLU A 163 -6.07 -6.12 -13.47
CA GLU A 163 -7.49 -6.08 -13.82
C GLU A 163 -8.33 -5.42 -12.73
N GLU A 164 -8.16 -5.84 -11.48
CA GLU A 164 -8.98 -5.31 -10.40
C GLU A 164 -8.60 -3.86 -10.06
N LEU A 165 -7.35 -3.65 -9.67
CA LEU A 165 -6.92 -2.32 -9.24
C LEU A 165 -7.12 -1.25 -10.32
N PRO A 166 -6.74 -1.46 -11.59
CA PRO A 166 -7.06 -0.44 -12.59
C PRO A 166 -8.54 -0.21 -12.79
N SER A 167 -9.36 -1.25 -12.66
CA SER A 167 -10.79 -1.08 -12.86
C SER A 167 -11.43 -0.26 -11.75
N VAL A 168 -11.08 -0.56 -10.50
CA VAL A 168 -11.75 0.09 -9.37
C VAL A 168 -11.25 1.51 -9.18
N MET A 169 -9.95 1.74 -9.39
CA MET A 169 -9.41 3.09 -9.22
C MET A 169 -9.87 4.00 -10.35
N TRP A 170 -9.63 3.60 -11.59
CA TRP A 170 -10.02 4.43 -12.73
C TRP A 170 -11.52 4.44 -12.98
N LYS A 171 -12.30 3.71 -12.18
CA LYS A 171 -13.75 3.91 -12.18
C LYS A 171 -14.12 5.20 -11.47
N LEU A 172 -13.24 5.72 -10.60
CA LEU A 172 -13.49 7.01 -9.97
C LEU A 172 -13.40 8.15 -10.98
N ARG A 173 -12.62 7.96 -12.06
CA ARG A 173 -12.49 9.01 -13.06
C ARG A 173 -13.81 9.26 -13.78
N VAL A 174 -14.54 8.19 -14.11
CA VAL A 174 -15.82 8.34 -14.77
C VAL A 174 -16.98 8.42 -13.77
N ASP A 175 -16.81 7.84 -12.57
CA ASP A 175 -17.86 7.82 -11.56
C ASP A 175 -17.23 8.03 -10.19
N PRO A 176 -17.15 9.30 -9.74
CA PRO A 176 -16.60 9.59 -8.40
C PRO A 176 -17.64 9.49 -7.28
N SER A 177 -18.38 8.39 -7.26
CA SER A 177 -19.40 8.18 -6.25
C SER A 177 -18.78 7.65 -4.96
N PRO A 178 -19.46 7.83 -3.82
CA PRO A 178 -18.91 7.29 -2.56
C PRO A 178 -18.77 5.77 -2.58
N GLU A 179 -19.71 5.07 -3.22
CA GLU A 179 -19.60 3.61 -3.27
C GLU A 179 -18.40 3.16 -4.09
N ASN A 180 -18.01 3.93 -5.11
CA ASN A 180 -16.81 3.60 -5.87
C ASN A 180 -15.54 3.91 -5.08
N LEU A 181 -15.59 4.95 -4.23
CA LEU A 181 -14.44 5.23 -3.37
C LEU A 181 -14.18 4.07 -2.41
N ALA A 182 -15.24 3.54 -1.80
CA ALA A 182 -15.09 2.39 -0.91
C ALA A 182 -14.52 1.20 -1.66
N VAL A 183 -15.09 0.89 -2.82
CA VAL A 183 -14.56 -0.20 -3.66
C VAL A 183 -13.12 0.08 -4.05
N ALA A 184 -12.77 1.35 -4.25
CA ALA A 184 -11.40 1.69 -4.62
C ALA A 184 -10.44 1.51 -3.45
N VAL A 185 -10.78 2.09 -2.29
CA VAL A 185 -9.87 2.06 -1.15
C VAL A 185 -9.68 0.64 -0.62
N THR A 186 -10.76 -0.16 -0.63
CA THR A 186 -10.64 -1.55 -0.18
C THR A 186 -9.70 -2.34 -1.09
N THR A 187 -9.78 -2.13 -2.40
CA THR A 187 -8.90 -2.77 -3.36
C THR A 187 -7.51 -2.16 -3.39
N TYR A 188 -7.22 -1.21 -2.51
CA TYR A 188 -6.00 -0.42 -2.63
C TYR A 188 -5.29 -0.27 -1.29
N ASN A 189 -6.01 0.20 -0.28
CA ASN A 189 -5.42 0.43 1.04
C ASN A 189 -5.70 -0.70 2.02
N LEU A 190 -6.78 -1.45 1.84
CA LEU A 190 -7.14 -2.49 2.79
C LEU A 190 -6.41 -3.80 2.51
N TYR A 191 -6.65 -4.38 1.34
CA TYR A 191 -6.08 -5.68 1.03
C TYR A 191 -4.68 -5.58 0.43
N VAL A 192 -4.46 -4.62 -0.47
CA VAL A 192 -3.18 -4.50 -1.14
C VAL A 192 -2.10 -4.03 -0.16
N GLU A 193 -2.42 -3.00 0.63
CA GLU A 193 -1.46 -2.39 1.54
C GLU A 193 -1.55 -2.92 2.96
N GLY A 194 -2.75 -3.22 3.44
CA GLY A 194 -2.91 -3.67 4.81
C GLY A 194 -2.75 -5.17 4.98
N VAL A 195 -3.02 -5.93 3.94
CA VAL A 195 -2.95 -7.39 3.97
C VAL A 195 -1.83 -7.91 3.09
N ALA A 196 -1.85 -7.58 1.79
CA ALA A 196 -0.87 -8.13 0.88
C ALA A 196 0.52 -7.56 1.14
N ALA A 197 0.63 -6.23 1.20
CA ALA A 197 1.94 -5.60 1.43
C ALA A 197 2.50 -5.94 2.80
N GLU A 198 1.64 -6.08 3.80
CA GLU A 198 2.10 -6.41 5.15
C GLU A 198 2.54 -7.87 5.25
N SER A 199 1.90 -8.76 4.50
CA SER A 199 2.32 -10.16 4.52
C SER A 199 3.73 -10.31 3.97
N GLY A 200 4.06 -9.59 2.90
CA GLY A 200 5.41 -9.62 2.39
C GLY A 200 6.42 -9.02 3.36
N TYR A 201 5.98 -8.08 4.19
CA TYR A 201 6.86 -7.54 5.22
C TYR A 201 7.14 -8.57 6.31
N LYS A 202 6.10 -9.29 6.73
CA LYS A 202 6.31 -10.39 7.67
C LYS A 202 7.12 -11.50 7.01
N THR A 203 6.93 -11.73 5.72
CA THR A 203 7.81 -12.64 4.99
C THR A 203 9.23 -12.10 4.96
N PHE A 204 9.39 -10.80 4.76
CA PHE A 204 10.71 -10.19 4.87
C PHE A 204 11.23 -10.24 6.30
N LYS A 205 10.33 -10.31 7.29
CA LYS A 205 10.76 -10.35 8.68
C LYS A 205 11.47 -11.66 9.01
N HIS A 206 10.97 -12.78 8.48
CA HIS A 206 11.57 -14.08 8.75
C HIS A 206 12.75 -14.39 7.85
N ILE A 207 12.93 -13.64 6.76
CA ILE A 207 14.06 -13.87 5.87
C ILE A 207 15.30 -13.11 6.33
N PHE A 208 15.13 -11.87 6.81
CA PHE A 208 16.27 -11.05 7.17
C PHE A 208 16.77 -11.36 8.57
N ASN A 209 15.85 -11.67 9.50
CA ASN A 209 16.22 -11.87 10.89
C ASN A 209 16.76 -13.27 11.15
N SER A 210 16.25 -14.28 10.45
CA SER A 210 16.67 -15.65 10.71
C SER A 210 17.99 -15.99 10.05
N LEU A 211 18.32 -15.35 8.93
CA LEU A 211 19.53 -15.67 8.18
C LEU A 211 20.63 -14.63 8.32
N ASN A 212 20.35 -13.46 8.89
CA ASN A 212 21.33 -12.39 9.03
C ASN A 212 21.90 -12.00 7.65
N ILE A 213 20.99 -11.71 6.72
CA ILE A 213 21.37 -11.37 5.34
C ILE A 213 20.60 -10.12 4.92
N MET A 214 21.10 -9.51 3.84
CA MET A 214 20.51 -8.33 3.22
C MET A 214 20.28 -7.20 4.22
N PRO A 215 21.34 -6.61 4.79
CA PRO A 215 21.10 -5.48 5.70
C PRO A 215 20.62 -4.23 5.00
N GLY A 216 21.09 -3.98 3.77
CA GLY A 216 20.63 -2.82 3.04
C GLY A 216 19.15 -2.88 2.70
N LEU A 217 18.70 -4.06 2.23
CA LEU A 217 17.26 -4.23 1.99
C LEU A 217 16.49 -4.24 3.30
N SER A 218 17.10 -4.70 4.39
CA SER A 218 16.45 -4.63 5.69
C SER A 218 16.20 -3.18 6.11
N LYS A 219 17.20 -2.32 5.88
CA LYS A 219 17.00 -0.88 6.09
C LYS A 219 15.93 -0.35 5.13
N THR A 220 15.89 -0.88 3.91
CA THR A 220 14.88 -0.46 2.95
C THR A 220 13.48 -0.87 3.40
N VAL A 221 13.32 -2.13 3.82
CA VAL A 221 12.00 -2.62 4.20
C VAL A 221 11.50 -1.92 5.46
N ASN A 222 12.38 -1.78 6.46
CA ASN A 222 11.99 -1.11 7.70
C ASN A 222 11.56 0.33 7.45
N LEU A 223 12.13 0.97 6.42
CA LEU A 223 11.69 2.31 6.05
C LEU A 223 10.45 2.29 5.19
N ILE A 224 10.26 1.23 4.38
CA ILE A 224 9.05 1.11 3.58
C ILE A 224 7.88 0.66 4.46
N ALA A 225 8.12 -0.28 5.37
CA ALA A 225 7.07 -0.70 6.28
C ALA A 225 6.65 0.42 7.21
N THR A 226 7.57 1.32 7.54
CA THR A 226 7.20 2.50 8.33
C THR A 226 6.31 3.43 7.53
N ASP A 227 6.54 3.54 6.22
CA ASP A 227 5.66 4.35 5.37
C ASP A 227 4.29 3.72 5.26
N GLU A 228 4.22 2.39 5.13
CA GLU A 228 2.95 1.70 5.04
C GLU A 228 2.11 1.88 6.31
N SER A 229 2.74 2.18 7.44
CA SER A 229 1.99 2.47 8.65
C SER A 229 1.08 3.67 8.46
N ARG A 230 1.63 4.76 7.91
CA ARG A 230 0.81 5.92 7.59
C ARG A 230 -0.09 5.65 6.40
N HIS A 231 0.30 4.72 5.51
CA HIS A 231 -0.50 4.43 4.33
C HIS A 231 -1.79 3.71 4.71
N ILE A 232 -1.69 2.69 5.55
CA ILE A 232 -2.90 1.99 5.97
C ILE A 232 -3.69 2.82 6.97
N ALA A 233 -3.03 3.75 7.67
CA ALA A 233 -3.74 4.60 8.62
C ALA A 233 -4.71 5.53 7.89
N TYR A 234 -4.24 6.19 6.84
CA TYR A 234 -5.13 7.06 6.06
C TYR A 234 -6.16 6.24 5.30
N GLY A 235 -5.75 5.08 4.78
CA GLY A 235 -6.72 4.21 4.13
C GLY A 235 -7.84 3.79 5.07
N THR A 236 -7.50 3.54 6.33
CA THR A 236 -8.54 3.29 7.34
C THR A 236 -9.39 4.53 7.55
N TYR A 237 -8.76 5.69 7.70
CA TYR A 237 -9.50 6.93 7.93
C TYR A 237 -10.44 7.23 6.78
N LEU A 238 -10.01 6.97 5.54
CA LEU A 238 -10.84 7.27 4.39
C LEU A 238 -12.06 6.35 4.34
N ILE A 239 -11.85 5.05 4.55
CA ILE A 239 -12.96 4.11 4.45
C ILE A 239 -13.90 4.28 5.64
N THR A 240 -13.35 4.53 6.84
CA THR A 240 -14.21 4.79 8.00
C THR A 240 -15.00 6.08 7.83
N ARG A 241 -14.41 7.07 7.15
CA ARG A 241 -15.15 8.30 6.89
C ARG A 241 -16.34 8.05 5.96
N LEU A 242 -16.23 7.06 5.07
CA LEU A 242 -17.36 6.71 4.21
C LEU A 242 -18.39 5.86 4.93
N ILE A 243 -17.95 5.05 5.92
CA ILE A 243 -18.88 4.26 6.71
C ILE A 243 -19.55 5.06 7.81
N VAL A 244 -19.16 6.32 7.99
CA VAL A 244 -19.88 7.22 8.90
C VAL A 244 -20.69 8.27 8.16
N GLU A 245 -20.37 8.57 6.89
CA GLU A 245 -21.17 9.49 6.10
C GLU A 245 -22.28 8.79 5.33
N ASN A 246 -22.04 7.53 4.91
CA ASN A 246 -23.04 6.69 4.25
C ASN A 246 -22.83 5.26 4.76
N GLY A 247 -23.20 5.03 6.02
CA GLY A 247 -22.82 3.79 6.68
C GLY A 247 -23.46 2.55 6.10
N GLU A 248 -24.74 2.64 5.72
CA GLU A 248 -25.48 1.46 5.32
C GLU A 248 -25.09 0.97 3.93
N SER A 249 -24.77 1.88 3.02
CA SER A 249 -24.45 1.48 1.64
C SER A 249 -22.96 1.25 1.43
N ILE A 250 -22.11 2.06 2.06
CA ILE A 250 -20.67 1.92 1.87
C ILE A 250 -20.18 0.60 2.44
N TYR A 251 -20.69 0.22 3.61
CA TYR A 251 -20.21 -0.99 4.27
C TYR A 251 -20.44 -2.23 3.42
N ARG A 252 -21.61 -2.32 2.77
CA ARG A 252 -21.91 -3.49 1.96
C ARG A 252 -20.99 -3.56 0.73
N LYS A 253 -20.67 -2.41 0.14
CA LYS A 253 -19.75 -2.40 -0.99
C LYS A 253 -18.31 -2.63 -0.54
N ALA A 254 -17.94 -2.08 0.62
CA ALA A 254 -16.59 -2.29 1.13
C ALA A 254 -16.34 -3.73 1.53
N ILE A 255 -17.38 -4.44 1.93
CA ILE A 255 -17.25 -5.85 2.29
C ILE A 255 -17.39 -6.75 1.06
N GLU A 256 -18.32 -6.43 0.16
CA GLU A 256 -18.44 -7.18 -1.09
C GLU A 256 -17.14 -7.14 -1.88
N GLN A 257 -16.50 -5.97 -1.93
CA GLN A 257 -15.21 -5.88 -2.62
C GLN A 257 -14.12 -6.61 -1.86
N PHE A 258 -14.15 -6.56 -0.53
CA PHE A 258 -13.14 -7.24 0.26
C PHE A 258 -13.32 -8.76 0.22
N ASN A 259 -14.56 -9.22 0.05
CA ASN A 259 -14.81 -10.65 -0.16
C ASN A 259 -14.52 -11.07 -1.58
N LYS A 260 -14.51 -10.14 -2.53
CA LYS A 260 -14.16 -10.47 -3.91
C LYS A 260 -12.65 -10.55 -4.10
N LEU A 261 -11.89 -9.77 -3.33
CA LEU A 261 -10.43 -9.82 -3.44
C LEU A 261 -9.88 -11.12 -2.89
N VAL A 262 -10.35 -11.55 -1.72
CA VAL A 262 -9.92 -12.82 -1.15
C VAL A 262 -10.38 -14.02 -1.98
N GLY A 263 -11.33 -13.81 -2.89
CA GLY A 263 -11.77 -14.87 -3.78
C GLY A 263 -11.29 -14.70 -5.20
N LEU A 275 8.49 -24.18 1.04
CA LEU A 275 8.95 -22.80 0.91
C LEU A 275 10.33 -22.62 1.53
N PRO A 276 11.18 -21.80 0.89
CA PRO A 276 12.54 -21.60 1.41
C PRO A 276 12.59 -20.68 2.62
N PHE A 277 13.81 -20.38 3.07
CA PHE A 277 14.03 -19.48 4.21
C PHE A 277 13.34 -19.99 5.48
N GLY A 278 13.09 -21.29 5.56
CA GLY A 278 12.38 -21.85 6.70
C GLY A 278 10.95 -21.40 6.83
N LEU A 279 10.31 -21.07 5.71
CA LEU A 279 8.93 -20.59 5.73
C LEU A 279 7.96 -21.75 5.56
N THR A 280 6.86 -21.71 6.33
CA THR A 280 5.81 -22.70 6.26
C THR A 280 4.64 -22.17 5.44
N PRO A 281 4.15 -22.92 4.45
CA PRO A 281 3.02 -22.41 3.66
C PRO A 281 1.75 -22.20 4.46
N ASP A 282 1.59 -22.93 5.57
CA ASP A 282 0.43 -22.74 6.44
C ASP A 282 0.59 -21.55 7.37
N PHE A 283 1.77 -20.94 7.44
CA PHE A 283 2.01 -19.80 8.31
C PHE A 283 1.78 -18.46 7.61
N THR A 284 2.29 -18.32 6.39
CA THR A 284 2.04 -17.09 5.64
C THR A 284 0.56 -16.93 5.30
N ILE A 285 -0.11 -18.03 4.99
CA ILE A 285 -1.56 -17.99 4.79
C ILE A 285 -2.27 -17.63 6.08
N GLU A 286 -1.74 -18.07 7.22
CA GLU A 286 -2.35 -17.72 8.51
C GLU A 286 -2.26 -16.22 8.76
N ASN A 287 -1.12 -15.61 8.44
CA ASN A 287 -0.97 -14.18 8.66
C ASN A 287 -1.80 -13.36 7.68
N ARG A 288 -1.81 -13.75 6.40
CA ARG A 288 -2.60 -13.00 5.43
C ARG A 288 -4.09 -13.14 5.71
N LYS A 289 -4.51 -14.25 6.33
CA LYS A 289 -5.88 -14.35 6.81
C LYS A 289 -6.04 -13.63 8.14
N GLN A 290 -4.96 -13.56 8.94
CA GLN A 290 -4.99 -12.77 10.16
C GLN A 290 -5.05 -11.28 9.87
N LEU A 291 -4.40 -10.84 8.79
CA LEU A 291 -4.49 -9.45 8.36
C LEU A 291 -5.84 -9.15 7.73
N VAL A 292 -6.39 -10.11 6.97
CA VAL A 292 -7.75 -9.98 6.47
C VAL A 292 -8.73 -9.83 7.63
N ASN A 293 -8.56 -10.66 8.66
CA ASN A 293 -9.38 -10.52 9.86
C ASN A 293 -9.08 -9.21 10.58
N ALA A 294 -7.84 -8.73 10.51
CA ALA A 294 -7.49 -7.46 11.12
C ALA A 294 -8.13 -6.28 10.41
N ARG A 295 -8.53 -6.44 9.14
CA ARG A 295 -9.20 -5.37 8.41
C ARG A 295 -10.70 -5.40 8.61
N LEU A 296 -11.30 -6.59 8.69
CA LEU A 296 -12.74 -6.68 8.94
C LEU A 296 -13.11 -6.06 10.29
N THR A 297 -12.21 -6.13 11.27
CA THR A 297 -12.49 -5.52 12.57
C THR A 297 -12.50 -4.00 12.47
N VAL A 298 -11.46 -3.43 11.85
CA VAL A 298 -11.36 -1.98 11.75
C VAL A 298 -12.40 -1.41 10.78
N ILE A 299 -12.94 -2.24 9.88
CA ILE A 299 -14.02 -1.80 9.01
C ILE A 299 -15.34 -1.74 9.77
N GLU A 300 -15.71 -2.85 10.41
CA GLU A 300 -16.93 -2.87 11.21
C GLU A 300 -16.81 -1.99 12.45
N ARG A 301 -15.60 -1.63 12.86
CA ARG A 301 -15.43 -0.68 13.95
C ARG A 301 -16.03 0.68 13.61
N ALA A 302 -16.00 1.05 12.33
CA ALA A 302 -16.56 2.33 11.90
C ALA A 302 -18.07 2.38 12.01
N LEU A 303 -18.73 1.23 12.01
CA LEU A 303 -20.19 1.20 12.08
C LEU A 303 -20.68 1.74 13.42
N LYS A 304 -21.83 2.41 13.38
CA LYS A 304 -22.46 2.99 14.57
C LYS A 304 -21.55 3.99 15.28
N MET A 305 -20.68 4.66 14.52
CA MET A 305 -19.81 5.70 15.06
C MET A 305 -20.25 7.06 14.55
N THR A 306 -20.19 8.06 15.42
CA THR A 306 -20.61 9.40 15.06
C THR A 306 -19.57 10.02 14.10
N PRO A 307 -20.02 10.69 13.05
CA PRO A 307 -19.07 11.40 12.17
C PRO A 307 -18.18 12.40 12.91
N GLU A 308 -18.62 12.89 14.07
CA GLU A 308 -17.79 13.79 14.87
C GLU A 308 -16.59 13.07 15.46
N GLN A 309 -16.68 11.74 15.62
CA GLN A 309 -15.61 10.99 16.27
C GLN A 309 -14.43 10.71 15.36
N VAL A 310 -14.59 10.86 14.04
CA VAL A 310 -13.51 10.54 13.11
C VAL A 310 -13.25 11.72 12.17
N LYS A 311 -14.30 12.42 11.76
CA LYS A 311 -14.19 13.50 10.79
C LYS A 311 -14.27 14.84 11.49
N SER A 312 -13.18 15.61 11.40
CA SER A 312 -13.11 16.96 11.97
C SER A 312 -13.50 17.01 13.45
#